data_1AYZ
#
_entry.id   1AYZ
#
_cell.length_a   113.750
_cell.length_b   146.360
_cell.length_c   109.880
_cell.angle_alpha   90.00
_cell.angle_beta   90.00
_cell.angle_gamma   90.00
#
_symmetry.space_group_name_H-M   'I 2 2 2'
#
loop_
_entity.id
_entity.type
_entity.pdbx_description
1 polymer 'UBIQUITIN-CONJUGATING ENZYME RAD6'
2 water water
#
_entity_poly.entity_id   1
_entity_poly.type   'polypeptide(L)'
_entity_poly.pdbx_seq_one_letter_code
;MSTPARRRLMRDFKRMKEDAPPGVSASPLPDNVMVWNAMIIGPADTPYEDGTFRLLLEFDEEYPNKPPHVKFLSEMFHPN
VYANGEICLDILQNRWTPTYDVASILTSIQSLFNDPNPASPANVEAATLFKDHKSQYVKRVKETVEKSWEDDMDDDDDDD
DDDDDDEAD
;
_entity_poly.pdbx_strand_id   A,B,C
#
# COMPACT_ATOMS: atom_id res chain seq x y z
N SER A 2 -38.86 5.64 12.68
CA SER A 2 -39.71 5.96 11.51
C SER A 2 -40.56 7.17 11.83
N THR A 3 -40.71 8.00 10.82
CA THR A 3 -41.48 9.23 10.97
C THR A 3 -42.25 9.44 9.67
N PRO A 4 -43.14 10.44 9.66
CA PRO A 4 -43.89 10.70 8.43
C PRO A 4 -42.95 10.77 7.22
N ALA A 5 -41.93 11.62 7.28
CA ALA A 5 -40.98 11.76 6.17
C ALA A 5 -40.36 10.43 5.75
N ARG A 6 -39.85 9.67 6.71
CA ARG A 6 -39.22 8.40 6.42
C ARG A 6 -40.18 7.42 5.74
N ARG A 7 -41.42 7.35 6.22
CA ARG A 7 -42.42 6.47 5.61
C ARG A 7 -42.74 6.87 4.17
N ARG A 8 -42.85 8.18 3.95
CA ARG A 8 -43.10 8.74 2.61
C ARG A 8 -41.97 8.30 1.71
N LEU A 9 -40.76 8.39 2.23
CA LEU A 9 -39.57 8.00 1.49
C LEU A 9 -39.59 6.53 1.16
N MET A 10 -40.13 5.71 2.07
CA MET A 10 -40.23 4.27 1.85
C MET A 10 -41.20 4.07 0.67
N ARG A 11 -42.27 4.85 0.64
CA ARG A 11 -43.27 4.78 -0.43
C ARG A 11 -42.70 5.23 -1.77
N ASP A 12 -41.82 6.23 -1.73
CA ASP A 12 -41.16 6.73 -2.93
C ASP A 12 -40.24 5.64 -3.46
N PHE A 13 -39.72 4.83 -2.54
CA PHE A 13 -38.81 3.75 -2.88
C PHE A 13 -39.54 2.58 -3.54
N LYS A 14 -40.73 2.26 -3.04
CA LYS A 14 -41.52 1.17 -3.62
C LYS A 14 -41.77 1.50 -5.08
N ARG A 15 -42.16 2.75 -5.34
CA ARG A 15 -42.42 3.23 -6.69
C ARG A 15 -41.18 3.12 -7.60
N MET A 16 -40.00 3.36 -7.04
CA MET A 16 -38.77 3.26 -7.83
C MET A 16 -38.39 1.80 -8.05
N LYS A 17 -38.71 0.95 -7.08
CA LYS A 17 -38.41 -0.48 -7.18
C LYS A 17 -39.23 -1.16 -8.27
N GLU A 18 -40.51 -0.79 -8.34
CA GLU A 18 -41.43 -1.38 -9.30
C GLU A 18 -41.64 -0.57 -10.58
N ASP A 19 -42.28 0.59 -10.46
CA ASP A 19 -42.53 1.43 -11.62
C ASP A 19 -41.52 2.57 -11.80
N ALA A 20 -40.24 2.22 -11.82
CA ALA A 20 -39.19 3.21 -11.99
C ALA A 20 -39.27 3.81 -13.38
N PRO A 21 -39.34 5.14 -13.48
CA PRO A 21 -39.42 5.83 -14.78
C PRO A 21 -38.22 5.48 -15.65
N PRO A 22 -38.39 5.55 -16.98
CA PRO A 22 -37.36 5.24 -17.96
C PRO A 22 -36.14 6.16 -17.87
N GLY A 23 -34.96 5.56 -17.83
CA GLY A 23 -33.73 6.33 -17.78
C GLY A 23 -33.31 6.84 -16.42
N VAL A 24 -34.15 6.66 -15.41
CA VAL A 24 -33.84 7.12 -14.07
C VAL A 24 -33.95 5.98 -13.06
N SER A 25 -33.01 5.96 -12.13
CA SER A 25 -32.99 4.96 -11.08
C SER A 25 -32.48 5.64 -9.83
N ALA A 26 -32.97 5.20 -8.68
CA ALA A 26 -32.54 5.76 -7.40
C ALA A 26 -32.82 4.76 -6.28
N SER A 27 -32.12 4.92 -5.17
CA SER A 27 -32.29 4.03 -4.03
C SER A 27 -31.61 4.59 -2.79
N PRO A 28 -32.26 4.45 -1.62
CA PRO A 28 -31.71 4.93 -0.35
C PRO A 28 -30.63 3.98 0.13
N LEU A 29 -29.77 4.45 1.03
CA LEU A 29 -28.73 3.60 1.58
C LEU A 29 -29.48 2.53 2.36
N PRO A 30 -28.96 1.28 2.37
CA PRO A 30 -29.65 0.21 3.11
C PRO A 30 -29.93 0.50 4.60
N ASP A 31 -29.18 1.43 5.17
CA ASP A 31 -29.31 1.79 6.59
C ASP A 31 -29.78 3.23 6.89
N ASN A 32 -29.91 4.07 5.87
CA ASN A 32 -30.34 5.45 6.05
C ASN A 32 -31.21 5.94 4.89
N VAL A 33 -32.51 6.00 5.13
CA VAL A 33 -33.47 6.42 4.12
C VAL A 33 -33.41 7.92 3.80
N MET A 34 -32.63 8.68 4.56
CA MET A 34 -32.50 10.12 4.35
C MET A 34 -31.48 10.49 3.28
N VAL A 35 -30.65 9.53 2.88
CA VAL A 35 -29.65 9.77 1.85
C VAL A 35 -29.85 8.78 0.71
N TRP A 36 -30.02 9.30 -0.50
CA TRP A 36 -30.24 8.46 -1.66
C TRP A 36 -29.24 8.73 -2.75
N ASN A 37 -28.95 7.68 -3.51
CA ASN A 37 -28.07 7.76 -4.65
C ASN A 37 -28.97 7.57 -5.85
N ALA A 38 -28.66 8.28 -6.93
CA ALA A 38 -29.49 8.18 -8.13
C ALA A 38 -28.64 8.32 -9.38
N MET A 39 -29.23 7.96 -10.50
CA MET A 39 -28.53 8.04 -11.76
C MET A 39 -29.51 8.24 -12.89
N ILE A 40 -29.16 9.16 -13.78
CA ILE A 40 -29.98 9.50 -14.92
C ILE A 40 -29.14 9.17 -16.14
N ILE A 41 -29.68 8.35 -17.03
CA ILE A 41 -28.96 7.99 -18.26
C ILE A 41 -29.14 9.15 -19.24
N GLY A 42 -28.02 9.68 -19.74
CA GLY A 42 -28.08 10.77 -20.71
C GLY A 42 -29.08 10.38 -21.79
N PRO A 43 -30.15 11.16 -21.95
CA PRO A 43 -31.19 10.88 -22.94
C PRO A 43 -30.82 10.71 -24.40
N ALA A 44 -31.76 10.08 -25.10
CA ALA A 44 -31.70 9.75 -26.52
C ALA A 44 -30.77 10.50 -27.46
N ASP A 45 -31.33 11.41 -28.25
CA ASP A 45 -30.55 12.13 -29.27
C ASP A 45 -29.95 13.46 -28.82
N THR A 46 -29.28 13.40 -27.68
CA THR A 46 -28.63 14.56 -27.09
C THR A 46 -27.15 14.24 -27.02
N PRO A 47 -26.28 15.26 -26.93
CA PRO A 47 -24.85 14.96 -26.85
C PRO A 47 -24.51 14.29 -25.49
N TYR A 48 -25.52 14.20 -24.63
CA TYR A 48 -25.40 13.59 -23.30
C TYR A 48 -25.70 12.10 -23.38
N GLU A 49 -26.24 11.69 -24.54
CA GLU A 49 -26.61 10.31 -24.83
C GLU A 49 -25.77 9.21 -24.19
N ASP A 50 -26.45 8.40 -23.37
CA ASP A 50 -25.87 7.27 -22.65
C ASP A 50 -24.90 7.55 -21.50
N GLY A 51 -24.78 8.81 -21.09
CA GLY A 51 -23.88 9.10 -19.98
C GLY A 51 -24.54 8.62 -18.70
N THR A 52 -23.76 8.07 -17.79
CA THR A 52 -24.33 7.61 -16.52
C THR A 52 -24.09 8.68 -15.47
N PHE A 53 -24.97 9.67 -15.44
CA PHE A 53 -24.83 10.77 -14.51
C PHE A 53 -25.44 10.48 -13.15
N ARG A 54 -24.59 10.45 -12.13
CA ARG A 54 -25.01 10.16 -10.77
C ARG A 54 -25.22 11.41 -9.91
N LEU A 55 -26.24 11.32 -9.07
CA LEU A 55 -26.61 12.41 -8.17
C LEU A 55 -26.68 11.91 -6.71
N LEU A 56 -26.84 12.86 -5.80
CA LEU A 56 -26.93 12.58 -4.38
C LEU A 56 -28.10 13.40 -3.87
N LEU A 57 -29.04 12.73 -3.23
CA LEU A 57 -30.20 13.41 -2.70
C LEU A 57 -30.19 13.23 -1.20
N GLU A 58 -30.30 14.35 -0.50
CA GLU A 58 -30.29 14.32 0.95
C GLU A 58 -31.57 14.98 1.45
N PHE A 59 -32.38 14.19 2.16
CA PHE A 59 -33.65 14.64 2.72
C PHE A 59 -33.56 14.92 4.22
N ASP A 60 -34.66 15.47 4.75
CA ASP A 60 -34.79 15.75 6.17
C ASP A 60 -36.23 15.47 6.57
N GLU A 61 -36.53 15.71 7.84
CA GLU A 61 -37.86 15.44 8.36
C GLU A 61 -38.98 16.37 7.91
N GLU A 62 -38.67 17.38 7.10
CA GLU A 62 -39.71 18.29 6.60
C GLU A 62 -40.26 17.78 5.26
N TYR A 63 -39.65 16.73 4.75
CA TYR A 63 -40.07 16.14 3.48
C TYR A 63 -41.45 15.53 3.69
N PRO A 64 -42.34 15.64 2.69
CA PRO A 64 -42.23 16.28 1.38
C PRO A 64 -42.62 17.75 1.30
N ASN A 65 -42.81 18.39 2.45
CA ASN A 65 -43.18 19.81 2.46
C ASN A 65 -42.00 20.65 2.02
N LYS A 66 -40.80 20.14 2.30
CA LYS A 66 -39.53 20.78 1.94
C LYS A 66 -38.79 19.78 1.04
N PRO A 67 -38.25 20.25 -0.10
CA PRO A 67 -37.53 19.39 -1.04
C PRO A 67 -36.20 18.96 -0.48
N PRO A 68 -35.59 17.93 -1.08
CA PRO A 68 -34.29 17.45 -0.61
C PRO A 68 -33.20 18.23 -1.31
N HIS A 69 -31.99 18.15 -0.77
CA HIS A 69 -30.87 18.80 -1.40
C HIS A 69 -30.41 17.81 -2.50
N VAL A 70 -30.38 18.28 -3.74
CA VAL A 70 -29.99 17.47 -4.87
C VAL A 70 -28.79 18.07 -5.56
N LYS A 71 -27.81 17.24 -5.86
CA LYS A 71 -26.61 17.67 -6.56
C LYS A 71 -26.04 16.50 -7.33
N PHE A 72 -25.38 16.81 -8.44
CA PHE A 72 -24.73 15.83 -9.27
C PHE A 72 -23.36 15.52 -8.69
N LEU A 73 -23.02 14.25 -8.64
CA LEU A 73 -21.70 13.86 -8.15
C LEU A 73 -20.76 13.76 -9.36
N SER A 74 -21.36 13.52 -10.53
CA SER A 74 -20.61 13.41 -11.77
C SER A 74 -20.26 14.80 -12.27
N GLU A 75 -19.17 14.90 -13.03
CA GLU A 75 -18.74 16.16 -13.62
C GLU A 75 -19.78 16.46 -14.68
N MET A 76 -20.29 17.68 -14.69
CA MET A 76 -21.33 18.06 -15.65
C MET A 76 -21.04 19.31 -16.44
N PHE A 77 -21.64 19.40 -17.61
CA PHE A 77 -21.51 20.58 -18.45
C PHE A 77 -22.91 20.83 -18.98
N HIS A 78 -23.67 21.59 -18.22
CA HIS A 78 -25.03 21.89 -18.59
C HIS A 78 -25.35 23.25 -18.04
N PRO A 79 -26.03 24.09 -18.83
CA PRO A 79 -26.41 25.45 -18.43
C PRO A 79 -27.17 25.55 -17.10
N ASN A 80 -27.87 24.49 -16.71
CA ASN A 80 -28.64 24.47 -15.46
C ASN A 80 -27.91 23.88 -14.23
N VAL A 81 -26.68 23.43 -14.43
CA VAL A 81 -25.91 22.80 -13.37
C VAL A 81 -24.67 23.63 -13.00
N TYR A 82 -24.59 24.01 -11.73
CA TYR A 82 -23.46 24.79 -11.22
C TYR A 82 -22.20 23.94 -11.17
N ALA A 83 -21.12 24.55 -10.68
CA ALA A 83 -19.82 23.89 -10.57
C ALA A 83 -19.72 22.88 -9.43
N ASN A 84 -20.49 23.11 -8.38
CA ASN A 84 -20.50 22.22 -7.22
C ASN A 84 -21.51 21.10 -7.39
N GLY A 85 -22.08 21.01 -8.60
CA GLY A 85 -23.05 19.97 -8.91
C GLY A 85 -24.48 20.34 -8.62
N GLU A 86 -24.70 21.49 -7.99
CA GLU A 86 -26.06 21.90 -7.67
C GLU A 86 -26.80 22.27 -8.95
N ILE A 87 -28.10 22.10 -8.89
CA ILE A 87 -28.95 22.32 -10.03
C ILE A 87 -29.85 23.53 -9.86
N CYS A 88 -29.99 24.32 -10.93
CA CYS A 88 -30.88 25.47 -10.91
C CYS A 88 -32.18 25.02 -11.57
N LEU A 89 -33.18 24.73 -10.75
CA LEU A 89 -34.46 24.27 -11.26
C LEU A 89 -35.56 24.67 -10.29
N ASP A 90 -36.48 25.52 -10.73
CA ASP A 90 -37.58 26.00 -9.92
C ASP A 90 -38.31 24.90 -9.13
N ILE A 91 -38.51 23.74 -9.79
CA ILE A 91 -39.18 22.57 -9.20
C ILE A 91 -38.55 22.23 -7.86
N LEU A 92 -37.22 22.31 -7.83
CA LEU A 92 -36.40 22.02 -6.65
C LEU A 92 -36.37 23.18 -5.67
N GLN A 93 -36.79 24.36 -6.12
CA GLN A 93 -36.80 25.55 -5.26
C GLN A 93 -38.21 26.10 -4.98
N ASN A 94 -38.43 27.36 -5.34
CA ASN A 94 -39.71 28.03 -5.11
C ASN A 94 -40.96 27.34 -5.66
N ARG A 95 -40.83 26.56 -6.73
CA ARG A 95 -41.98 25.88 -7.31
C ARG A 95 -42.21 24.45 -6.83
N TRP A 96 -41.59 24.08 -5.71
CA TRP A 96 -41.76 22.74 -5.16
C TRP A 96 -43.15 22.56 -4.55
N THR A 97 -43.70 21.34 -4.67
CA THR A 97 -45.00 21.02 -4.09
C THR A 97 -44.86 19.64 -3.43
N PRO A 98 -45.54 19.42 -2.30
CA PRO A 98 -45.51 18.17 -1.53
C PRO A 98 -45.94 16.95 -2.31
N THR A 99 -46.49 17.17 -3.50
CA THR A 99 -46.96 16.07 -4.34
C THR A 99 -45.80 15.39 -5.07
N TYR A 100 -44.66 16.09 -5.15
CA TYR A 100 -43.46 15.57 -5.83
C TYR A 100 -42.84 14.43 -5.07
N ASP A 101 -42.12 13.59 -5.80
CA ASP A 101 -41.44 12.46 -5.19
C ASP A 101 -40.12 12.23 -5.92
N VAL A 102 -39.34 11.25 -5.47
CA VAL A 102 -38.05 10.98 -6.07
C VAL A 102 -38.19 10.84 -7.58
N ALA A 103 -39.14 10.02 -7.99
CA ALA A 103 -39.40 9.78 -9.41
C ALA A 103 -39.58 11.08 -10.18
N SER A 104 -40.55 11.89 -9.77
CA SER A 104 -40.82 13.17 -10.43
C SER A 104 -39.60 14.11 -10.40
N ILE A 105 -38.84 14.08 -9.31
CA ILE A 105 -37.66 14.92 -9.17
C ILE A 105 -36.67 14.50 -10.24
N LEU A 106 -36.41 13.20 -10.31
CA LEU A 106 -35.48 12.66 -11.29
C LEU A 106 -35.90 12.92 -12.73
N THR A 107 -37.19 12.75 -13.01
CA THR A 107 -37.69 12.99 -14.37
C THR A 107 -37.56 14.46 -14.75
N SER A 108 -37.88 15.36 -13.81
CA SER A 108 -37.81 16.79 -14.08
C SER A 108 -36.38 17.21 -14.41
N ILE A 109 -35.41 16.59 -13.74
CA ILE A 109 -34.00 16.88 -13.96
C ILE A 109 -33.55 16.24 -15.26
N GLN A 110 -34.08 15.05 -15.53
CA GLN A 110 -33.81 14.31 -16.75
C GLN A 110 -34.21 15.17 -17.94
N SER A 111 -35.40 15.76 -17.83
CA SER A 111 -35.93 16.63 -18.88
C SER A 111 -34.99 17.77 -19.27
N LEU A 112 -34.22 18.27 -18.30
CA LEU A 112 -33.29 19.36 -18.60
C LEU A 112 -32.26 18.99 -19.65
N PHE A 113 -31.93 17.70 -19.75
CA PHE A 113 -30.96 17.24 -20.73
C PHE A 113 -31.47 17.45 -22.15
N ASN A 114 -32.78 17.35 -22.31
CA ASN A 114 -33.44 17.52 -23.60
C ASN A 114 -33.88 18.97 -23.81
N ASP A 115 -33.28 19.91 -23.08
CA ASP A 115 -33.68 21.30 -23.19
C ASP A 115 -32.69 22.23 -22.44
N PRO A 116 -31.47 22.36 -22.97
CA PRO A 116 -30.39 23.17 -22.41
C PRO A 116 -30.68 24.67 -22.60
N ASN A 117 -31.95 25.05 -22.45
CA ASN A 117 -32.35 26.43 -22.66
C ASN A 117 -32.83 27.20 -21.41
N PRO A 118 -32.00 27.27 -20.37
CA PRO A 118 -32.44 28.01 -19.19
C PRO A 118 -32.36 29.52 -19.44
N ALA A 119 -33.20 30.25 -18.71
CA ALA A 119 -33.24 31.71 -18.83
C ALA A 119 -31.97 32.28 -18.23
N SER A 120 -31.71 31.93 -16.96
CA SER A 120 -30.51 32.38 -16.26
C SER A 120 -29.70 31.15 -15.86
N PRO A 121 -28.69 30.82 -16.67
CA PRO A 121 -27.77 29.71 -16.52
C PRO A 121 -26.97 29.66 -15.23
N ALA A 122 -26.71 28.44 -14.76
CA ALA A 122 -25.92 28.20 -13.57
C ALA A 122 -24.50 28.06 -14.06
N ASN A 123 -24.38 27.51 -15.26
CA ASN A 123 -23.09 27.29 -15.92
C ASN A 123 -23.09 28.20 -17.15
N VAL A 124 -22.67 29.45 -16.97
CA VAL A 124 -22.63 30.44 -18.04
C VAL A 124 -21.76 30.03 -19.24
N GLU A 125 -20.61 29.42 -18.96
CA GLU A 125 -19.72 28.97 -20.03
C GLU A 125 -20.47 28.03 -20.99
N ALA A 126 -21.22 27.10 -20.41
CA ALA A 126 -21.99 26.12 -21.17
C ALA A 126 -23.09 26.75 -22.02
N ALA A 127 -23.72 27.80 -21.47
CA ALA A 127 -24.79 28.49 -22.16
C ALA A 127 -24.26 29.24 -23.37
N THR A 128 -23.20 30.02 -23.16
CA THR A 128 -22.58 30.79 -24.24
C THR A 128 -22.10 29.86 -25.36
N LEU A 129 -21.31 28.86 -24.99
CA LEU A 129 -20.78 27.90 -25.96
C LEU A 129 -21.93 27.24 -26.73
N PHE A 130 -23.02 26.93 -26.02
CA PHE A 130 -24.17 26.30 -26.67
C PHE A 130 -24.73 27.19 -27.78
N LYS A 131 -24.75 28.50 -27.56
CA LYS A 131 -25.27 29.44 -28.54
C LYS A 131 -24.26 29.70 -29.66
N ASP A 132 -23.07 30.10 -29.25
CA ASP A 132 -21.98 30.46 -30.17
C ASP A 132 -21.25 29.31 -30.87
N HIS A 133 -20.61 28.45 -30.09
CA HIS A 133 -19.84 27.34 -30.64
C HIS A 133 -20.42 25.98 -30.25
N LYS A 134 -21.60 25.68 -30.81
CA LYS A 134 -22.31 24.44 -30.54
C LYS A 134 -21.45 23.18 -30.77
N SER A 135 -20.45 23.30 -31.63
CA SER A 135 -19.56 22.19 -31.92
C SER A 135 -18.71 21.85 -30.70
N GLN A 136 -18.20 22.89 -30.03
CA GLN A 136 -17.37 22.74 -28.83
C GLN A 136 -18.19 22.28 -27.63
N TYR A 137 -19.39 22.85 -27.50
CA TYR A 137 -20.31 22.50 -26.43
C TYR A 137 -20.48 20.98 -26.44
N VAL A 138 -20.82 20.45 -27.61
CA VAL A 138 -20.99 19.01 -27.76
C VAL A 138 -19.70 18.27 -27.42
N LYS A 139 -18.56 18.78 -27.88
CA LYS A 139 -17.27 18.15 -27.62
C LYS A 139 -17.07 18.07 -26.10
N ARG A 140 -17.39 19.16 -25.42
CA ARG A 140 -17.26 19.22 -23.98
C ARG A 140 -18.25 18.27 -23.27
N VAL A 141 -19.50 18.27 -23.74
CA VAL A 141 -20.53 17.40 -23.18
C VAL A 141 -20.14 15.93 -23.35
N LYS A 142 -19.58 15.59 -24.52
CA LYS A 142 -19.15 14.22 -24.80
C LYS A 142 -18.06 13.85 -23.79
N GLU A 143 -17.24 14.83 -23.43
CA GLU A 143 -16.16 14.62 -22.47
C GLU A 143 -16.67 14.20 -21.09
N THR A 144 -17.79 14.77 -20.67
CA THR A 144 -18.36 14.42 -19.38
C THR A 144 -19.07 13.08 -19.45
N VAL A 145 -19.57 12.73 -20.63
CA VAL A 145 -20.26 11.47 -20.82
C VAL A 145 -19.26 10.33 -20.64
N GLU A 146 -18.06 10.53 -21.18
CA GLU A 146 -17.00 9.52 -21.06
C GLU A 146 -16.54 9.46 -19.61
N LYS A 147 -16.32 10.64 -19.01
CA LYS A 147 -15.88 10.74 -17.63
C LYS A 147 -16.83 10.00 -16.69
N SER A 148 -18.12 10.01 -17.01
CA SER A 148 -19.11 9.32 -16.17
C SER A 148 -18.95 7.81 -16.28
N TRP A 149 -18.37 7.37 -17.39
CA TRP A 149 -18.13 5.95 -17.64
C TRP A 149 -16.89 5.44 -16.90
N GLU A 150 -15.86 6.29 -16.83
CA GLU A 150 -14.61 5.96 -16.13
C GLU A 150 -14.86 5.84 -14.62
N ASP A 151 -15.80 6.65 -14.11
CA ASP A 151 -16.17 6.65 -12.70
C ASP A 151 -16.64 5.27 -12.28
N ASP A 152 -17.48 4.68 -13.12
CA ASP A 152 -18.05 3.36 -12.88
C ASP A 152 -16.97 2.27 -12.90
N MET A 153 -15.92 2.48 -13.70
CA MET A 153 -14.82 1.53 -13.80
C MET A 153 -13.89 1.52 -12.60
N ASP A 154 -14.10 2.47 -11.69
CA ASP A 154 -13.29 2.58 -10.48
C ASP A 154 -14.00 1.93 -9.29
N SER B 2 23.17 -25.47 -0.84
CA SER B 2 22.83 -26.26 0.39
C SER B 2 22.30 -25.30 1.44
N THR B 3 21.26 -25.76 2.12
CA THR B 3 20.58 -25.01 3.16
C THR B 3 20.12 -26.01 4.21
N PRO B 4 19.47 -25.54 5.29
CA PRO B 4 18.99 -26.44 6.34
C PRO B 4 18.11 -27.55 5.78
N ALA B 5 17.12 -27.17 4.96
CA ALA B 5 16.22 -28.16 4.36
C ALA B 5 17.01 -29.20 3.58
N ARG B 6 17.93 -28.71 2.76
CA ARG B 6 18.74 -29.56 1.90
C ARG B 6 19.69 -30.47 2.67
N ARG B 7 20.25 -29.98 3.77
CA ARG B 7 21.16 -30.80 4.56
C ARG B 7 20.38 -31.90 5.27
N ARG B 8 19.19 -31.55 5.74
CA ARG B 8 18.31 -32.50 6.41
C ARG B 8 17.98 -33.58 5.40
N LEU B 9 17.61 -33.16 4.19
CA LEU B 9 17.29 -34.08 3.13
C LEU B 9 18.45 -35.02 2.86
N MET B 10 19.68 -34.51 2.99
CA MET B 10 20.89 -35.33 2.77
C MET B 10 20.93 -36.42 3.85
N ARG B 11 20.53 -36.06 5.06
CA ARG B 11 20.50 -37.02 6.17
C ARG B 11 19.41 -38.08 5.94
N ASP B 12 18.30 -37.66 5.36
CA ASP B 12 17.20 -38.58 5.05
C ASP B 12 17.70 -39.56 3.99
N PHE B 13 18.54 -39.06 3.08
CA PHE B 13 19.12 -39.85 2.01
C PHE B 13 20.11 -40.89 2.54
N LYS B 14 20.90 -40.51 3.53
CA LYS B 14 21.86 -41.44 4.13
C LYS B 14 21.10 -42.63 4.70
N ARG B 15 20.03 -42.35 5.44
CA ARG B 15 19.20 -43.39 6.04
C ARG B 15 18.57 -44.30 4.99
N MET B 16 18.15 -43.74 3.86
CA MET B 16 17.56 -44.57 2.81
C MET B 16 18.59 -45.42 2.10
N LYS B 17 19.82 -44.90 1.98
CA LYS B 17 20.91 -45.61 1.32
C LYS B 17 21.33 -46.84 2.14
N GLU B 18 21.41 -46.63 3.45
CA GLU B 18 21.84 -47.66 4.38
C GLU B 18 20.72 -48.47 5.03
N ASP B 19 19.98 -47.83 5.93
CA ASP B 19 18.90 -48.51 6.64
C ASP B 19 17.49 -48.25 6.07
N ALA B 20 17.33 -48.46 4.76
CA ALA B 20 16.03 -48.27 4.12
C ALA B 20 15.01 -49.29 4.64
N PRO B 21 13.79 -48.83 4.97
CA PRO B 21 12.75 -49.73 5.47
C PRO B 21 12.37 -50.75 4.41
N PRO B 22 11.91 -51.92 4.84
CA PRO B 22 11.51 -53.02 3.95
C PRO B 22 10.34 -52.64 3.05
N GLY B 23 10.48 -52.90 1.76
CA GLY B 23 9.41 -52.61 0.84
C GLY B 23 9.37 -51.20 0.30
N VAL B 24 10.14 -50.31 0.90
CA VAL B 24 10.18 -48.93 0.43
C VAL B 24 11.58 -48.55 0.00
N SER B 25 11.64 -47.72 -1.02
CA SER B 25 12.91 -47.25 -1.55
C SER B 25 12.71 -45.84 -2.08
N ALA B 26 13.72 -44.99 -1.92
CA ALA B 26 13.67 -43.61 -2.41
C ALA B 26 15.06 -43.03 -2.62
N SER B 27 15.15 -42.04 -3.52
CA SER B 27 16.40 -41.36 -3.84
C SER B 27 16.14 -40.06 -4.59
N PRO B 28 16.89 -39.00 -4.26
CA PRO B 28 16.73 -37.70 -4.92
C PRO B 28 17.41 -37.72 -6.27
N LEU B 29 16.99 -36.82 -7.15
CA LEU B 29 17.60 -36.76 -8.47
C LEU B 29 19.06 -36.42 -8.22
N PRO B 30 19.97 -36.96 -9.04
CA PRO B 30 21.41 -36.72 -8.89
C PRO B 30 21.82 -35.26 -8.80
N ASP B 31 21.02 -34.37 -9.39
CA ASP B 31 21.30 -32.94 -9.40
C ASP B 31 20.21 -32.06 -8.78
N ASN B 32 19.35 -32.65 -7.95
CA ASN B 32 18.28 -31.91 -7.28
C ASN B 32 17.77 -32.70 -6.10
N VAL B 33 18.23 -32.32 -4.92
CA VAL B 33 17.86 -32.98 -3.69
C VAL B 33 16.43 -32.65 -3.22
N MET B 34 15.73 -31.78 -3.97
CA MET B 34 14.37 -31.37 -3.62
C MET B 34 13.31 -32.16 -4.36
N VAL B 35 13.75 -33.05 -5.25
CA VAL B 35 12.82 -33.89 -5.98
C VAL B 35 13.29 -35.32 -5.82
N TRP B 36 12.45 -36.16 -5.24
CA TRP B 36 12.79 -37.56 -5.02
C TRP B 36 11.83 -38.49 -5.72
N ASN B 37 12.35 -39.65 -6.13
CA ASN B 37 11.54 -40.68 -6.75
C ASN B 37 11.52 -41.77 -5.72
N ALA B 38 10.38 -42.42 -5.56
CA ALA B 38 10.28 -43.49 -4.59
C ALA B 38 9.33 -44.57 -5.08
N MET B 39 9.33 -45.70 -4.37
CA MET B 39 8.46 -46.79 -4.75
C MET B 39 8.17 -47.67 -3.55
N ILE B 40 6.92 -48.08 -3.44
CA ILE B 40 6.42 -48.93 -2.36
C ILE B 40 5.91 -50.21 -2.99
N ILE B 41 6.46 -51.33 -2.54
CA ILE B 41 6.04 -52.62 -3.05
C ILE B 41 4.71 -52.96 -2.39
N GLY B 42 3.73 -53.36 -3.19
CA GLY B 42 2.43 -53.73 -2.64
C GLY B 42 2.63 -54.80 -1.58
N PRO B 43 2.30 -54.49 -0.33
CA PRO B 43 2.45 -55.42 0.79
C PRO B 43 1.87 -56.82 0.67
N ALA B 44 2.43 -57.67 1.53
CA ALA B 44 2.15 -59.08 1.68
C ALA B 44 0.84 -59.70 1.20
N ASP B 45 -0.13 -59.88 2.10
CA ASP B 45 -1.38 -60.54 1.72
C ASP B 45 -2.54 -59.60 1.45
N THR B 46 -2.29 -58.70 0.52
CA THR B 46 -3.27 -57.71 0.10
C THR B 46 -3.41 -57.88 -1.41
N PRO B 47 -4.51 -57.39 -2.00
CA PRO B 47 -4.68 -57.50 -3.45
C PRO B 47 -3.65 -56.61 -4.17
N TYR B 48 -2.89 -55.84 -3.38
CA TYR B 48 -1.85 -54.94 -3.88
C TYR B 48 -0.51 -55.65 -3.99
N GLU B 49 -0.44 -56.82 -3.35
CA GLU B 49 0.77 -57.63 -3.34
C GLU B 49 1.65 -57.57 -4.58
N ASP B 50 2.92 -57.26 -4.34
CA ASP B 50 3.98 -57.17 -5.36
C ASP B 50 3.91 -56.08 -6.41
N GLY B 51 2.97 -55.14 -6.25
CA GLY B 51 2.87 -54.04 -7.20
C GLY B 51 4.03 -53.09 -6.94
N THR B 52 4.65 -52.57 -7.99
CA THR B 52 5.75 -51.64 -7.82
C THR B 52 5.23 -50.22 -7.99
N PHE B 53 4.56 -49.74 -6.95
CA PHE B 53 3.97 -48.43 -6.99
C PHE B 53 4.96 -47.31 -6.76
N ARG B 54 5.12 -46.49 -7.79
CA ARG B 54 6.05 -45.37 -7.73
C ARG B 54 5.40 -44.04 -7.37
N LEU B 55 6.16 -43.23 -6.65
CA LEU B 55 5.72 -41.92 -6.20
C LEU B 55 6.72 -40.81 -6.53
N LEU B 56 6.28 -39.56 -6.36
CA LEU B 56 7.12 -38.39 -6.60
C LEU B 56 6.97 -37.51 -5.37
N LEU B 57 8.10 -37.19 -4.75
CA LEU B 57 8.11 -36.34 -3.56
C LEU B 57 8.84 -35.08 -3.92
N GLU B 58 8.20 -33.94 -3.68
CA GLU B 58 8.78 -32.65 -3.98
C GLU B 58 8.85 -31.81 -2.71
N PHE B 59 10.07 -31.53 -2.27
CA PHE B 59 10.30 -30.77 -1.07
C PHE B 59 10.61 -29.28 -1.35
N ASP B 60 10.68 -28.51 -0.28
CA ASP B 60 11.02 -27.10 -0.37
C ASP B 60 11.84 -26.71 0.83
N GLU B 61 12.13 -25.42 0.95
CA GLU B 61 12.96 -24.93 2.04
C GLU B 61 12.40 -24.93 3.45
N GLU B 62 11.10 -25.21 3.58
CA GLU B 62 10.48 -25.25 4.90
C GLU B 62 10.51 -26.64 5.51
N TYR B 63 11.05 -27.60 4.78
CA TYR B 63 11.17 -28.97 5.24
C TYR B 63 12.21 -28.97 6.37
N PRO B 64 12.00 -29.74 7.44
CA PRO B 64 10.89 -30.64 7.79
C PRO B 64 9.67 -30.05 8.50
N ASN B 65 9.63 -28.74 8.64
CA ASN B 65 8.50 -28.09 9.30
C ASN B 65 7.24 -28.23 8.46
N LYS B 66 7.43 -28.15 7.15
CA LYS B 66 6.36 -28.29 6.17
C LYS B 66 6.67 -29.57 5.39
N PRO B 67 5.67 -30.45 5.21
CA PRO B 67 5.90 -31.70 4.48
C PRO B 67 6.05 -31.47 3.00
N PRO B 68 6.54 -32.48 2.28
CA PRO B 68 6.71 -32.38 0.83
C PRO B 68 5.40 -32.70 0.16
N HIS B 69 5.34 -32.44 -1.14
CA HIS B 69 4.15 -32.79 -1.89
C HIS B 69 4.42 -34.22 -2.34
N VAL B 70 3.51 -35.12 -1.99
CA VAL B 70 3.66 -36.51 -2.36
C VAL B 70 2.48 -36.93 -3.20
N LYS B 71 2.78 -37.65 -4.29
CA LYS B 71 1.76 -38.18 -5.18
C LYS B 71 2.28 -39.44 -5.84
N PHE B 72 1.36 -40.33 -6.20
CA PHE B 72 1.73 -41.59 -6.87
C PHE B 72 1.83 -41.32 -8.36
N LEU B 73 2.88 -41.83 -8.99
CA LEU B 73 3.02 -41.68 -10.44
C LEU B 73 2.32 -42.86 -11.11
N SER B 74 2.25 -43.98 -10.39
CA SER B 74 1.60 -45.17 -10.89
C SER B 74 0.08 -45.01 -10.81
N GLU B 75 -0.62 -45.76 -11.64
CA GLU B 75 -2.09 -45.78 -11.65
C GLU B 75 -2.46 -46.52 -10.36
N MET B 76 -3.37 -45.93 -9.60
CA MET B 76 -3.79 -46.50 -8.33
C MET B 76 -5.30 -46.68 -8.20
N PHE B 77 -5.68 -47.60 -7.33
CA PHE B 77 -7.08 -47.86 -7.05
C PHE B 77 -7.16 -48.16 -5.56
N HIS B 78 -7.30 -47.09 -4.80
CA HIS B 78 -7.34 -47.18 -3.36
C HIS B 78 -8.23 -46.05 -2.85
N PRO B 79 -9.10 -46.36 -1.89
CA PRO B 79 -10.02 -45.40 -1.29
C PRO B 79 -9.35 -44.11 -0.85
N ASN B 80 -8.08 -44.18 -0.48
CA ASN B 80 -7.37 -43.01 0.02
C ASN B 80 -6.43 -42.31 -0.94
N VAL B 81 -6.49 -42.70 -2.21
CA VAL B 81 -5.65 -42.07 -3.21
C VAL B 81 -6.53 -41.46 -4.25
N TYR B 82 -6.31 -40.18 -4.49
CA TYR B 82 -7.08 -39.44 -5.46
C TYR B 82 -6.72 -39.87 -6.87
N ALA B 83 -7.57 -39.45 -7.81
CA ALA B 83 -7.41 -39.74 -9.23
C ALA B 83 -6.17 -39.05 -9.80
N ASN B 84 -5.63 -38.07 -9.08
CA ASN B 84 -4.46 -37.35 -9.55
C ASN B 84 -3.18 -37.88 -8.91
N GLY B 85 -3.33 -38.91 -8.06
CA GLY B 85 -2.16 -39.50 -7.42
C GLY B 85 -1.87 -38.99 -6.04
N GLU B 86 -2.44 -37.84 -5.70
CA GLU B 86 -2.25 -37.27 -4.38
C GLU B 86 -2.85 -38.22 -3.35
N ILE B 87 -2.34 -38.16 -2.14
CA ILE B 87 -2.80 -39.04 -1.09
C ILE B 87 -3.51 -38.32 0.05
N CYS B 88 -4.59 -38.90 0.52
CA CYS B 88 -5.32 -38.33 1.67
C CYS B 88 -4.76 -39.08 2.86
N LEU B 89 -3.93 -38.39 3.66
CA LEU B 89 -3.31 -39.00 4.83
C LEU B 89 -2.96 -37.91 5.82
N ASP B 90 -3.63 -37.94 6.98
CA ASP B 90 -3.43 -36.94 8.01
C ASP B 90 -1.97 -36.61 8.30
N ILE B 91 -1.14 -37.64 8.37
CA ILE B 91 0.29 -37.52 8.63
C ILE B 91 0.98 -36.59 7.63
N LEU B 92 0.52 -36.63 6.39
CA LEU B 92 1.07 -35.80 5.32
C LEU B 92 0.44 -34.41 5.34
N GLN B 93 -0.68 -34.29 6.03
CA GLN B 93 -1.39 -33.01 6.13
C GLN B 93 -1.30 -32.38 7.52
N ASN B 94 -2.42 -32.31 8.24
CA ASN B 94 -2.46 -31.68 9.57
C ASN B 94 -1.72 -32.37 10.72
N ARG B 95 -1.59 -33.69 10.66
CA ARG B 95 -0.89 -34.42 11.73
C ARG B 95 0.62 -34.63 11.46
N TRP B 96 1.16 -33.80 10.57
CA TRP B 96 2.57 -33.85 10.23
C TRP B 96 3.40 -33.26 11.38
N THR B 97 4.56 -33.87 11.63
CA THR B 97 5.47 -33.37 12.66
C THR B 97 6.84 -33.34 11.98
N PRO B 98 7.71 -32.42 12.39
CA PRO B 98 9.05 -32.26 11.83
C PRO B 98 9.98 -33.44 12.07
N THR B 99 9.53 -34.38 12.89
CA THR B 99 10.31 -35.57 13.21
C THR B 99 10.22 -36.59 12.08
N TYR B 100 9.23 -36.43 11.21
CA TYR B 100 9.05 -37.32 10.07
C TYR B 100 10.13 -37.14 9.04
N ASP B 101 10.36 -38.17 8.24
CA ASP B 101 11.36 -38.12 7.21
C ASP B 101 10.92 -39.02 6.08
N VAL B 102 11.67 -39.00 4.99
CA VAL B 102 11.35 -39.79 3.82
C VAL B 102 10.91 -41.20 4.17
N ALA B 103 11.71 -41.87 5.00
CA ALA B 103 11.41 -43.23 5.42
C ALA B 103 10.03 -43.37 6.06
N SER B 104 9.80 -42.61 7.13
CA SER B 104 8.52 -42.62 7.84
C SER B 104 7.38 -42.19 6.93
N ILE B 105 7.67 -41.31 5.98
CA ILE B 105 6.64 -40.86 5.04
C ILE B 105 6.21 -42.07 4.24
N LEU B 106 7.20 -42.74 3.65
CA LEU B 106 6.98 -43.92 2.80
C LEU B 106 6.28 -45.06 3.53
N THR B 107 6.68 -45.32 4.77
CA THR B 107 6.10 -46.40 5.56
C THR B 107 4.63 -46.11 5.89
N SER B 108 4.35 -44.85 6.19
CA SER B 108 3.00 -44.41 6.53
C SER B 108 2.03 -44.69 5.41
N ILE B 109 2.47 -44.40 4.19
CA ILE B 109 1.67 -44.61 2.99
C ILE B 109 1.56 -46.10 2.70
N GLN B 110 2.66 -46.81 2.94
CA GLN B 110 2.73 -48.25 2.73
C GLN B 110 1.68 -48.95 3.57
N SER B 111 1.53 -48.51 4.81
CA SER B 111 0.55 -49.08 5.74
C SER B 111 -0.87 -48.93 5.23
N LEU B 112 -1.13 -47.93 4.40
CA LEU B 112 -2.46 -47.71 3.88
C LEU B 112 -2.93 -48.87 3.05
N PHE B 113 -1.99 -49.57 2.41
CA PHE B 113 -2.35 -50.72 1.57
C PHE B 113 -2.92 -51.85 2.41
N ASN B 114 -2.58 -51.82 3.70
CA ASN B 114 -3.03 -52.84 4.64
C ASN B 114 -4.35 -52.43 5.28
N ASP B 115 -4.81 -51.22 4.97
CA ASP B 115 -6.06 -50.73 5.54
C ASP B 115 -6.75 -49.71 4.65
N PRO B 116 -7.44 -50.20 3.62
CA PRO B 116 -8.16 -49.31 2.70
C PRO B 116 -9.43 -48.86 3.40
N ASN B 117 -9.30 -47.79 4.18
CA ASN B 117 -10.39 -47.23 4.95
C ASN B 117 -11.37 -46.32 4.19
N PRO B 118 -12.58 -46.83 3.91
CA PRO B 118 -13.60 -46.06 3.18
C PRO B 118 -14.37 -44.97 3.95
N ALA B 119 -13.95 -44.69 5.18
CA ALA B 119 -14.59 -43.68 6.04
C ALA B 119 -14.68 -42.31 5.34
N SER B 120 -13.52 -41.73 5.05
CA SER B 120 -13.42 -40.44 4.35
C SER B 120 -12.51 -40.74 3.14
N PRO B 121 -13.12 -41.20 2.04
CA PRO B 121 -12.46 -41.57 0.79
C PRO B 121 -12.00 -40.45 -0.13
N ALA B 122 -10.90 -40.70 -0.83
CA ALA B 122 -10.35 -39.78 -1.80
C ALA B 122 -10.84 -40.26 -3.17
N ASN B 123 -11.21 -41.53 -3.23
CA ASN B 123 -11.70 -42.17 -4.45
C ASN B 123 -13.01 -42.88 -4.08
N VAL B 124 -14.14 -42.27 -4.41
CA VAL B 124 -15.45 -42.85 -4.09
C VAL B 124 -15.70 -44.19 -4.78
N GLU B 125 -15.32 -44.30 -6.05
CA GLU B 125 -15.54 -45.55 -6.79
C GLU B 125 -14.89 -46.72 -6.05
N ALA B 126 -13.65 -46.52 -5.63
CA ALA B 126 -12.88 -47.52 -4.90
C ALA B 126 -13.54 -47.89 -3.58
N ALA B 127 -14.00 -46.87 -2.86
CA ALA B 127 -14.66 -47.05 -1.58
C ALA B 127 -15.96 -47.83 -1.72
N THR B 128 -16.79 -47.42 -2.69
CA THR B 128 -18.06 -48.08 -2.92
C THR B 128 -17.84 -49.54 -3.28
N LEU B 129 -17.02 -49.79 -4.30
CA LEU B 129 -16.73 -51.16 -4.72
C LEU B 129 -16.20 -52.01 -3.57
N PHE B 130 -15.33 -51.43 -2.76
CA PHE B 130 -14.75 -52.13 -1.62
C PHE B 130 -15.82 -52.69 -0.68
N LYS B 131 -16.85 -51.89 -0.40
CA LYS B 131 -17.92 -52.35 0.51
C LYS B 131 -19.05 -53.15 -0.14
N ASP B 132 -19.39 -52.83 -1.39
CA ASP B 132 -20.47 -53.52 -2.10
C ASP B 132 -20.01 -54.70 -2.94
N HIS B 133 -19.02 -54.49 -3.80
CA HIS B 133 -18.53 -55.56 -4.67
C HIS B 133 -17.03 -55.82 -4.51
N LYS B 134 -16.64 -56.30 -3.33
CA LYS B 134 -15.24 -56.56 -2.99
C LYS B 134 -14.48 -57.42 -4.02
N SER B 135 -15.20 -58.29 -4.73
CA SER B 135 -14.60 -59.15 -5.74
C SER B 135 -14.08 -58.25 -6.88
N GLN B 136 -14.90 -57.28 -7.29
CA GLN B 136 -14.53 -56.33 -8.35
C GLN B 136 -13.41 -55.37 -7.92
N TYR B 137 -13.52 -54.88 -6.68
CA TYR B 137 -12.51 -53.99 -6.10
C TYR B 137 -11.14 -54.69 -6.26
N VAL B 138 -11.07 -55.93 -5.78
CA VAL B 138 -9.83 -56.73 -5.87
C VAL B 138 -9.36 -56.89 -7.30
N LYS B 139 -10.29 -57.12 -8.23
CA LYS B 139 -9.95 -57.28 -9.64
C LYS B 139 -9.33 -55.99 -10.15
N ARG B 140 -9.94 -54.87 -9.78
CA ARG B 140 -9.43 -53.57 -10.20
C ARG B 140 -8.05 -53.27 -9.61
N VAL B 141 -7.84 -53.68 -8.36
CA VAL B 141 -6.57 -53.49 -7.68
C VAL B 141 -5.49 -54.32 -8.37
N LYS B 142 -5.84 -55.50 -8.86
CA LYS B 142 -4.88 -56.37 -9.54
C LYS B 142 -4.44 -55.75 -10.86
N GLU B 143 -5.36 -55.08 -11.54
CA GLU B 143 -5.05 -54.41 -12.81
C GLU B 143 -3.97 -53.35 -12.60
N THR B 144 -4.04 -52.63 -11.48
CA THR B 144 -3.05 -51.59 -11.19
C THR B 144 -1.71 -52.21 -10.87
N VAL B 145 -1.73 -53.40 -10.28
CA VAL B 145 -0.49 -54.10 -9.96
C VAL B 145 0.19 -54.48 -11.27
N GLU B 146 -0.57 -55.07 -12.19
CA GLU B 146 -0.05 -55.47 -13.49
C GLU B 146 0.53 -54.26 -14.19
N LYS B 147 -0.29 -53.21 -14.31
CA LYS B 147 0.12 -51.96 -14.95
C LYS B 147 1.43 -51.42 -14.35
N SER B 148 1.65 -51.60 -13.04
CA SER B 148 2.87 -51.09 -12.42
C SER B 148 4.13 -51.81 -12.94
N TRP B 149 3.95 -53.09 -13.24
CA TRP B 149 5.01 -53.95 -13.78
C TRP B 149 5.30 -53.59 -15.22
N GLU B 150 4.24 -53.38 -16.00
CA GLU B 150 4.35 -53.01 -17.41
C GLU B 150 5.11 -51.68 -17.57
N ASP B 151 4.89 -50.78 -16.61
CA ASP B 151 5.56 -49.47 -16.60
C ASP B 151 7.06 -49.63 -16.49
N ASP B 152 7.48 -50.70 -15.80
CA ASP B 152 8.90 -51.00 -15.60
C ASP B 152 9.53 -51.60 -16.85
N MET B 153 8.71 -52.31 -17.64
CA MET B 153 9.17 -52.95 -18.88
C MET B 153 9.57 -51.95 -19.95
N ASP B 154 9.46 -50.67 -19.61
CA ASP B 154 9.82 -49.60 -20.53
C ASP B 154 11.14 -48.98 -20.03
N SER C 2 6.31 35.97 -2.62
CA SER C 2 7.59 36.72 -2.54
C SER C 2 7.36 38.07 -1.91
N THR C 3 8.37 38.53 -1.17
CA THR C 3 8.35 39.79 -0.45
C THR C 3 9.78 40.27 -0.44
N PRO C 4 10.04 41.48 0.08
CA PRO C 4 11.40 42.00 0.13
C PRO C 4 12.40 41.05 0.75
N ALA C 5 12.03 40.48 1.90
CA ALA C 5 12.90 39.54 2.62
C ALA C 5 13.16 38.28 1.80
N ARG C 6 12.09 37.72 1.23
CA ARG C 6 12.19 36.52 0.43
C ARG C 6 13.06 36.79 -0.79
N ARG C 7 12.90 37.95 -1.41
CA ARG C 7 13.72 38.31 -2.58
C ARG C 7 15.17 38.46 -2.15
N ARG C 8 15.38 39.03 -0.98
CA ARG C 8 16.72 39.23 -0.43
C ARG C 8 17.35 37.88 -0.23
N LEU C 9 16.58 36.97 0.35
CA LEU C 9 17.04 35.61 0.62
C LEU C 9 17.42 34.87 -0.65
N MET C 10 16.66 35.13 -1.72
CA MET C 10 16.94 34.50 -3.01
C MET C 10 18.33 34.95 -3.46
N ARG C 11 18.62 36.24 -3.27
CA ARG C 11 19.92 36.82 -3.64
C ARG C 11 21.06 36.29 -2.77
N ASP C 12 20.75 35.98 -1.52
CA ASP C 12 21.73 35.43 -0.59
C ASP C 12 22.09 34.03 -1.06
N PHE C 13 21.08 33.36 -1.61
CA PHE C 13 21.19 32.01 -2.14
C PHE C 13 22.10 31.99 -3.37
N LYS C 14 21.85 32.93 -4.29
CA LYS C 14 22.65 33.04 -5.51
C LYS C 14 24.12 33.15 -5.14
N ARG C 15 24.41 34.01 -4.16
CA ARG C 15 25.77 34.21 -3.68
C ARG C 15 26.34 32.90 -3.12
N MET C 16 25.50 32.10 -2.49
CA MET C 16 25.96 30.84 -1.91
C MET C 16 26.15 29.74 -2.96
N LYS C 17 25.34 29.78 -4.03
CA LYS C 17 25.41 28.81 -5.11
C LYS C 17 26.70 28.99 -5.92
N GLU C 18 27.04 30.25 -6.17
CA GLU C 18 28.22 30.60 -6.96
C GLU C 18 29.47 30.92 -6.17
N ASP C 19 29.46 32.03 -5.44
CA ASP C 19 30.61 32.47 -4.66
C ASP C 19 30.52 32.08 -3.18
N ALA C 20 30.29 30.79 -2.92
CA ALA C 20 30.19 30.29 -1.56
C ALA C 20 31.54 30.36 -0.87
N PRO C 21 31.61 31.04 0.29
CA PRO C 21 32.88 31.16 1.04
C PRO C 21 33.50 29.82 1.40
N PRO C 22 34.82 29.78 1.55
CA PRO C 22 35.57 28.57 1.89
C PRO C 22 35.14 27.97 3.21
N GLY C 23 34.82 26.68 3.20
CA GLY C 23 34.44 25.99 4.42
C GLY C 23 33.00 26.15 4.88
N VAL C 24 32.24 26.96 4.17
CA VAL C 24 30.85 27.17 4.54
C VAL C 24 29.93 26.89 3.37
N SER C 25 28.82 26.23 3.66
CA SER C 25 27.82 25.88 2.66
C SER C 25 26.44 26.08 3.26
N ALA C 26 25.48 26.46 2.43
CA ALA C 26 24.10 26.67 2.91
C ALA C 26 23.08 26.70 1.78
N SER C 27 21.86 26.30 2.10
CA SER C 27 20.78 26.25 1.12
C SER C 27 19.41 26.15 1.79
N PRO C 28 18.42 26.85 1.24
CA PRO C 28 17.04 26.86 1.76
C PRO C 28 16.29 25.62 1.35
N LEU C 29 15.19 25.35 2.05
CA LEU C 29 14.37 24.20 1.73
C LEU C 29 13.84 24.43 0.33
N PRO C 30 13.69 23.37 -0.47
CA PRO C 30 13.19 23.53 -1.84
C PRO C 30 11.80 24.18 -1.93
N ASP C 31 11.09 24.22 -0.81
CA ASP C 31 9.75 24.79 -0.78
C ASP C 31 9.52 25.85 0.32
N ASN C 32 10.59 26.37 0.90
CA ASN C 32 10.46 27.38 1.97
C ASN C 32 11.78 28.13 2.16
N VAL C 33 11.87 29.29 1.54
CA VAL C 33 13.07 30.12 1.59
C VAL C 33 13.35 30.72 2.98
N MET C 34 12.37 30.60 3.87
CA MET C 34 12.53 31.13 5.22
C MET C 34 13.32 30.20 6.15
N VAL C 35 13.55 28.97 5.71
CA VAL C 35 14.29 28.00 6.51
C VAL C 35 15.45 27.44 5.72
N TRP C 36 16.65 27.59 6.25
CA TRP C 36 17.86 27.10 5.59
C TRP C 36 18.66 26.15 6.48
N ASN C 37 19.40 25.26 5.82
CA ASN C 37 20.27 24.32 6.49
C ASN C 37 21.66 24.75 6.04
N ALA C 38 22.63 24.62 6.94
CA ALA C 38 24.00 25.01 6.62
C ALA C 38 24.99 24.18 7.39
N MET C 39 26.25 24.25 6.98
CA MET C 39 27.28 23.48 7.66
C MET C 39 28.62 24.19 7.53
N ILE C 40 29.34 24.22 8.64
CA ILE C 40 30.64 24.86 8.71
C ILE C 40 31.66 23.77 8.97
N ILE C 41 32.69 23.74 8.14
CA ILE C 41 33.73 22.73 8.30
C ILE C 41 34.67 23.23 9.38
N GLY C 42 34.95 22.37 10.35
CA GLY C 42 35.86 22.73 11.41
C GLY C 42 37.15 23.26 10.81
N PRO C 43 37.51 24.50 11.12
CA PRO C 43 38.70 25.19 10.64
C PRO C 43 40.01 24.42 10.73
N ALA C 44 40.97 24.93 9.96
CA ALA C 44 42.32 24.41 9.84
C ALA C 44 42.99 23.77 11.04
N ASP C 45 43.83 24.54 11.75
CA ASP C 45 44.58 24.00 12.88
C ASP C 45 43.98 24.19 14.26
N THR C 46 42.73 23.77 14.38
CA THR C 46 41.98 23.86 15.62
C THR C 46 41.56 22.43 15.99
N PRO C 47 41.14 22.20 17.24
CA PRO C 47 40.71 20.86 17.60
C PRO C 47 39.38 20.50 16.95
N TYR C 48 38.78 21.48 16.27
CA TYR C 48 37.51 21.34 15.55
C TYR C 48 37.76 20.86 14.12
N GLU C 49 39.02 20.86 13.72
CA GLU C 49 39.44 20.46 12.38
C GLU C 49 38.67 19.33 11.70
N ASP C 50 38.11 19.67 10.54
CA ASP C 50 37.33 18.74 9.71
C ASP C 50 35.94 18.33 10.19
N GLY C 51 35.45 18.96 11.25
CA GLY C 51 34.11 18.63 11.75
C GLY C 51 33.03 19.14 10.82
N THR C 52 31.99 18.33 10.61
CA THR C 52 30.88 18.71 9.73
C THR C 52 29.76 19.28 10.57
N PHE C 53 30.00 20.45 11.16
CA PHE C 53 29.03 21.10 12.02
C PHE C 53 27.91 21.76 11.26
N ARG C 54 26.70 21.24 11.46
CA ARG C 54 25.51 21.74 10.79
C ARG C 54 24.61 22.63 11.63
N LEU C 55 24.05 23.65 10.97
CA LEU C 55 23.19 24.62 11.61
C LEU C 55 21.82 24.72 10.94
N LEU C 56 20.94 25.47 11.59
CA LEU C 56 19.57 25.69 11.12
C LEU C 56 19.28 27.18 11.25
N LEU C 57 19.04 27.82 10.12
CA LEU C 57 18.75 29.24 10.12
C LEU C 57 17.30 29.42 9.78
N GLU C 58 16.61 30.23 10.58
CA GLU C 58 15.19 30.51 10.37
C GLU C 58 15.01 32.02 10.22
N PHE C 59 14.43 32.43 9.11
CA PHE C 59 14.22 33.84 8.85
C PHE C 59 12.75 34.22 8.96
N ASP C 60 12.50 35.52 8.93
CA ASP C 60 11.15 36.06 8.99
C ASP C 60 11.04 37.22 8.02
N GLU C 61 9.90 37.87 8.00
CA GLU C 61 9.70 38.97 7.06
C GLU C 61 10.45 40.27 7.34
N GLU C 62 11.13 40.36 8.49
CA GLU C 62 11.87 41.58 8.82
C GLU C 62 13.31 41.51 8.36
N TYR C 63 13.69 40.39 7.75
CA TYR C 63 15.06 40.24 7.26
C TYR C 63 15.23 41.19 6.07
N PRO C 64 16.42 41.82 5.94
CA PRO C 64 17.63 41.78 6.76
C PRO C 64 17.73 42.81 7.86
N ASN C 65 16.64 43.51 8.16
CA ASN C 65 16.68 44.50 9.24
C ASN C 65 16.81 43.78 10.58
N LYS C 66 16.23 42.58 10.63
CA LYS C 66 16.25 41.71 11.80
C LYS C 66 17.03 40.44 11.42
N PRO C 67 17.98 40.00 12.26
CA PRO C 67 18.75 38.80 11.94
C PRO C 67 17.92 37.55 12.06
N PRO C 68 18.39 36.45 11.45
CA PRO C 68 17.69 35.17 11.49
C PRO C 68 18.03 34.46 12.79
N HIS C 69 17.29 33.42 13.08
CA HIS C 69 17.59 32.64 14.26
C HIS C 69 18.58 31.60 13.77
N VAL C 70 19.75 31.54 14.38
CA VAL C 70 20.75 30.57 13.97
C VAL C 70 21.15 29.69 15.14
N LYS C 71 21.12 28.38 14.93
CA LYS C 71 21.52 27.45 15.97
C LYS C 71 22.20 26.27 15.34
N PHE C 72 23.08 25.64 16.12
CA PHE C 72 23.81 24.49 15.68
C PHE C 72 22.96 23.25 15.92
N LEU C 73 22.70 22.49 14.87
CA LEU C 73 21.95 21.26 15.02
C LEU C 73 22.92 20.21 15.58
N SER C 74 24.19 20.34 15.23
CA SER C 74 25.22 19.42 15.69
C SER C 74 25.55 19.69 17.16
N GLU C 75 26.02 18.65 17.84
CA GLU C 75 26.44 18.73 19.23
C GLU C 75 27.75 19.51 19.19
N MET C 76 27.89 20.48 20.09
CA MET C 76 29.07 21.33 20.11
C MET C 76 29.68 21.42 21.48
N PHE C 77 30.91 21.90 21.51
CA PHE C 77 31.65 22.13 22.74
C PHE C 77 32.51 23.34 22.48
N HIS C 78 31.96 24.51 22.75
CA HIS C 78 32.63 25.77 22.53
C HIS C 78 32.06 26.77 23.50
N PRO C 79 32.92 27.62 24.08
CA PRO C 79 32.53 28.64 25.04
C PRO C 79 31.41 29.57 24.57
N ASN C 80 31.26 29.73 23.27
CA ASN C 80 30.25 30.66 22.78
C ASN C 80 29.00 30.04 22.18
N VAL C 81 28.87 28.74 22.35
CA VAL C 81 27.72 28.01 21.87
C VAL C 81 27.08 27.36 23.07
N TYR C 82 25.83 27.73 23.34
CA TYR C 82 25.13 27.16 24.49
C TYR C 82 24.98 25.66 24.25
N ALA C 83 24.71 24.92 25.32
CA ALA C 83 24.57 23.48 25.24
C ALA C 83 23.42 23.01 24.36
N ASN C 84 22.56 23.90 23.93
CA ASN C 84 21.42 23.51 23.11
C ASN C 84 21.57 23.97 21.67
N GLY C 85 22.81 24.30 21.30
CA GLY C 85 23.10 24.74 19.95
C GLY C 85 23.00 26.21 19.70
N GLU C 86 22.39 26.94 20.62
CA GLU C 86 22.24 28.38 20.47
C GLU C 86 23.61 29.00 20.52
N ILE C 87 23.76 30.10 19.80
CA ILE C 87 25.04 30.80 19.71
C ILE C 87 25.01 32.18 20.34
N CYS C 88 26.05 32.48 21.12
CA CYS C 88 26.20 33.79 21.73
C CYS C 88 27.17 34.50 20.81
N LEU C 89 26.67 35.46 20.04
CA LEU C 89 27.51 36.21 19.10
C LEU C 89 26.88 37.56 18.85
N ASP C 90 27.62 38.61 19.17
CA ASP C 90 27.15 39.98 19.00
C ASP C 90 26.59 40.35 17.64
N ILE C 91 27.21 39.93 16.54
CA ILE C 91 26.71 40.28 15.23
C ILE C 91 25.33 39.67 14.97
N LEU C 92 24.98 38.66 15.75
CA LEU C 92 23.69 38.00 15.65
C LEU C 92 22.65 38.73 16.49
N GLN C 93 23.13 39.52 17.45
CA GLN C 93 22.25 40.29 18.32
C GLN C 93 22.45 41.79 18.12
N ASN C 94 22.92 42.50 19.15
CA ASN C 94 23.12 43.95 19.12
C ASN C 94 24.01 44.55 18.02
N ARG C 95 24.94 43.79 17.47
CA ARG C 95 25.80 44.33 16.41
C ARG C 95 25.45 43.85 15.01
N TRP C 96 24.18 43.56 14.80
CA TRP C 96 23.71 43.12 13.49
C TRP C 96 23.51 44.34 12.58
N THR C 97 23.83 44.19 11.30
CA THR C 97 23.62 45.26 10.34
C THR C 97 22.97 44.62 9.11
N PRO C 98 22.01 45.31 8.49
CA PRO C 98 21.31 44.79 7.30
C PRO C 98 22.18 44.50 6.10
N THR C 99 23.48 44.79 6.20
CA THR C 99 24.41 44.54 5.11
C THR C 99 24.89 43.08 5.13
N TYR C 100 24.66 42.41 6.26
CA TYR C 100 25.05 41.02 6.42
C TYR C 100 24.14 40.12 5.61
N ASP C 101 24.66 38.96 5.22
CA ASP C 101 23.90 37.99 4.46
C ASP C 101 24.27 36.62 4.99
N VAL C 102 23.72 35.56 4.40
CA VAL C 102 24.02 34.22 4.87
C VAL C 102 25.52 33.97 4.91
N ALA C 103 26.19 34.33 3.81
CA ALA C 103 27.63 34.16 3.69
C ALA C 103 28.40 34.75 4.87
N SER C 104 28.16 36.03 5.16
CA SER C 104 28.81 36.73 6.26
C SER C 104 28.44 36.16 7.64
N ILE C 105 27.22 35.65 7.76
CA ILE C 105 26.74 35.08 9.02
C ILE C 105 27.57 33.83 9.29
N LEU C 106 27.65 32.98 8.27
CA LEU C 106 28.40 31.73 8.35
C LEU C 106 29.90 31.91 8.60
N THR C 107 30.51 32.86 7.90
CA THR C 107 31.94 33.11 8.08
C THR C 107 32.17 33.62 9.50
N SER C 108 31.33 34.56 9.93
CA SER C 108 31.45 35.15 11.26
C SER C 108 31.39 34.09 12.35
N ILE C 109 30.53 33.09 12.15
CA ILE C 109 30.39 31.99 13.11
C ILE C 109 31.61 31.08 12.98
N GLN C 110 32.03 30.85 11.75
CA GLN C 110 33.19 30.03 11.46
C GLN C 110 34.43 30.55 12.19
N SER C 111 34.65 31.86 12.14
CA SER C 111 35.77 32.51 12.80
C SER C 111 35.82 32.19 14.29
N LEU C 112 34.67 31.85 14.87
CA LEU C 112 34.61 31.52 16.29
C LEU C 112 35.39 30.26 16.63
N PHE C 113 35.54 29.37 15.65
CA PHE C 113 36.30 28.14 15.89
C PHE C 113 37.78 28.42 16.12
N ASN C 114 38.23 29.56 15.59
CA ASN C 114 39.62 29.99 15.72
C ASN C 114 39.78 30.87 16.95
N ASP C 115 38.66 31.28 17.53
CA ASP C 115 38.68 32.13 18.70
C ASP C 115 37.70 31.72 19.80
N PRO C 116 38.08 30.75 20.62
CA PRO C 116 37.22 30.28 21.72
C PRO C 116 37.36 31.18 22.93
N ASN C 117 36.79 32.38 22.84
CA ASN C 117 36.84 33.39 23.91
C ASN C 117 35.97 33.08 25.14
N PRO C 118 36.63 32.86 26.30
CA PRO C 118 35.98 32.55 27.57
C PRO C 118 35.55 33.78 28.40
N ALA C 119 35.34 34.93 27.75
CA ALA C 119 34.94 36.17 28.42
C ALA C 119 33.64 36.00 29.23
N SER C 120 32.52 36.03 28.53
CA SER C 120 31.21 35.84 29.15
C SER C 120 30.69 34.63 28.38
N PRO C 121 31.26 33.45 28.68
CA PRO C 121 30.88 32.21 28.02
C PRO C 121 29.42 31.84 28.08
N ALA C 122 28.97 31.18 27.01
CA ALA C 122 27.61 30.69 26.90
C ALA C 122 27.60 29.31 27.58
N ASN C 123 28.64 28.54 27.30
CA ASN C 123 28.83 27.21 27.87
C ASN C 123 29.99 27.29 28.86
N VAL C 124 29.68 27.38 30.14
CA VAL C 124 30.68 27.51 31.19
C VAL C 124 31.60 26.31 31.35
N GLU C 125 31.05 25.10 31.22
CA GLU C 125 31.88 23.89 31.34
C GLU C 125 33.03 23.97 30.33
N ALA C 126 32.66 24.26 29.08
CA ALA C 126 33.61 24.38 27.99
C ALA C 126 34.67 25.43 28.29
N ALA C 127 34.25 26.58 28.80
CA ALA C 127 35.16 27.68 29.11
C ALA C 127 36.13 27.37 30.24
N THR C 128 35.61 26.84 31.35
CA THR C 128 36.48 26.51 32.48
C THR C 128 37.45 25.39 32.12
N LEU C 129 36.96 24.39 31.38
CA LEU C 129 37.81 23.28 30.95
C LEU C 129 38.90 23.83 30.02
N PHE C 130 38.52 24.79 29.19
CA PHE C 130 39.46 25.41 28.26
C PHE C 130 40.60 26.07 29.02
N LYS C 131 40.26 26.74 30.12
CA LYS C 131 41.24 27.45 30.94
C LYS C 131 42.07 26.52 31.82
N ASP C 132 41.38 25.63 32.53
CA ASP C 132 42.01 24.71 33.47
C ASP C 132 42.56 23.39 32.95
N HIS C 133 41.76 22.65 32.19
CA HIS C 133 42.21 21.36 31.68
C HIS C 133 42.08 21.28 30.16
N LYS C 134 42.85 22.13 29.47
CA LYS C 134 42.84 22.20 28.02
C LYS C 134 42.94 20.86 27.31
N SER C 135 43.61 19.90 27.94
CA SER C 135 43.77 18.57 27.37
C SER C 135 42.40 17.91 27.23
N GLN C 136 41.58 18.03 28.29
CA GLN C 136 40.22 17.48 28.32
C GLN C 136 39.29 18.24 27.38
N TYR C 137 39.46 19.56 27.34
CA TYR C 137 38.68 20.41 26.46
C TYR C 137 38.87 19.88 25.05
N VAL C 138 40.14 19.78 24.63
CA VAL C 138 40.45 19.29 23.29
C VAL C 138 39.87 17.90 23.05
N LYS C 139 39.91 17.05 24.06
CA LYS C 139 39.37 15.70 23.93
C LYS C 139 37.90 15.82 23.57
N ARG C 140 37.19 16.59 24.38
CA ARG C 140 35.76 16.79 24.18
C ARG C 140 35.42 17.35 22.81
N VAL C 141 36.23 18.29 22.32
CA VAL C 141 36.00 18.88 21.01
C VAL C 141 36.12 17.81 19.95
N LYS C 142 37.20 17.03 20.01
CA LYS C 142 37.44 15.95 19.05
C LYS C 142 36.25 14.98 19.00
N GLU C 143 35.62 14.76 20.15
CA GLU C 143 34.46 13.87 20.24
C GLU C 143 33.28 14.41 19.43
N THR C 144 33.11 15.73 19.44
CA THR C 144 32.00 16.34 18.71
C THR C 144 32.32 16.33 17.23
N VAL C 145 33.61 16.37 16.91
CA VAL C 145 34.08 16.34 15.52
C VAL C 145 33.67 14.99 14.97
N GLU C 146 33.98 13.95 15.73
CA GLU C 146 33.64 12.59 15.34
C GLU C 146 32.15 12.45 15.19
N LYS C 147 31.40 12.81 16.23
CA LYS C 147 29.95 12.68 16.14
C LYS C 147 29.37 13.44 14.94
N SER C 148 29.99 14.54 14.54
CA SER C 148 29.46 15.28 13.41
C SER C 148 29.50 14.40 12.17
N TRP C 149 30.50 13.54 12.13
CA TRP C 149 30.72 12.62 11.03
C TRP C 149 29.71 11.50 11.04
N GLU C 150 29.56 10.85 12.21
CA GLU C 150 28.62 9.75 12.38
C GLU C 150 27.17 10.16 12.09
N ASP C 151 26.89 11.46 12.21
CA ASP C 151 25.55 12.00 11.95
C ASP C 151 25.19 11.87 10.48
N ASP C 152 26.18 12.05 9.62
CA ASP C 152 26.00 11.95 8.18
C ASP C 152 25.93 10.48 7.72
N MET C 153 26.40 9.57 8.56
CA MET C 153 26.39 8.13 8.25
C MET C 153 25.08 7.48 8.67
N ASP C 154 24.05 8.28 8.93
CA ASP C 154 22.75 7.76 9.33
C ASP C 154 21.63 8.14 8.35
#